data_9L7F
#
_entry.id   9L7F
#
_cell.length_a   101.588
_cell.length_b   79.095
_cell.length_c   66.925
_cell.angle_alpha   90.00
_cell.angle_beta   129.97
_cell.angle_gamma   90.00
#
_symmetry.space_group_name_H-M   'C 1 2 1'
#
loop_
_entity.id
_entity.type
_entity.pdbx_description
1 polymer 'Metallo-beta-lactamase VIM-2'
2 non-polymer 'ZINC ION'
3 non-polymer '(3~{R})-3-[(9~{R})-7,7-bis(oxidanyl)-8-oxa-7-boranuidabicyclo[4.3.0]nona-1(6),2,4-trien-9-yl]-2-methylidene-butanoic acid'
4 non-polymer GLYCEROL
5 water water
#
_entity_poly.entity_id   1
_entity_poly.type   'polypeptide(L)'
_entity_poly.pdbx_seq_one_letter_code
;EYPTVSEIPVGEVRLYQIADGVWSHIATQSFDGAVYPSNGLIVRDGDELLLIDTAWGAKNTAALLAEIEKQIGLPVTRAV
STHFHDDRVGGVDVLRAAGVATYASPSTRRLAEVEGNEIPTHSLEGLSSSGDAVRFGPVELFYPGAAHSTDNLVVYVPSA
SVLYGGCAIYELSRTSAGNVADADLAEWPTSIERIQQHYPEAQFVIPGHGLPGGLDLLKHTTNVVKAHTNRS
;
_entity_poly.pdbx_strand_id   A,B
#
loop_
_chem_comp.id
_chem_comp.type
_chem_comp.name
_chem_comp.formula
A1EJI non-polymer '(3~{R})-3-[(9~{R})-7,7-bis(oxidanyl)-8-oxa-7-boranuidabicyclo[4.3.0]nona-1(6),2,4-trien-9-yl]-2-methylidene-butanoic acid' 'C12 H14 B O5 -1'
GOL non-polymer GLYCEROL 'C3 H8 O3'
ZN non-polymer 'ZINC ION' 'Zn 2'
#
# COMPACT_ATOMS: atom_id res chain seq x y z
N GLU A 1 7.84 19.70 9.36
CA GLU A 1 8.49 18.99 8.26
C GLU A 1 7.41 18.50 7.28
N TYR A 2 7.82 17.83 6.22
CA TYR A 2 6.85 17.46 5.19
C TYR A 2 5.94 16.37 5.72
N PRO A 3 4.61 16.51 5.60
CA PRO A 3 3.73 15.52 6.22
C PRO A 3 3.86 14.17 5.54
N THR A 4 3.83 13.11 6.34
CA THR A 4 3.98 11.76 5.85
C THR A 4 2.64 11.06 5.87
N VAL A 5 2.59 9.94 5.14
CA VAL A 5 1.36 9.18 5.00
C VAL A 5 0.76 8.84 6.35
N SER A 6 1.62 8.53 7.34
CA SER A 6 1.09 8.11 8.63
C SER A 6 0.46 9.27 9.42
N GLU A 7 0.69 10.52 9.05
CA GLU A 7 0.20 11.67 9.80
C GLU A 7 -1.06 12.30 9.20
N ILE A 8 -1.62 11.73 8.14
CA ILE A 8 -2.78 12.33 7.47
C ILE A 8 -3.95 11.36 7.41
N PRO A 9 -5.01 11.57 8.18
CA PRO A 9 -6.20 10.72 8.01
C PRO A 9 -6.75 10.85 6.59
N VAL A 10 -7.24 9.72 6.05
CA VAL A 10 -7.97 9.77 4.79
C VAL A 10 -9.16 10.69 4.93
N GLY A 11 -9.29 11.65 4.02
CA GLY A 11 -10.36 12.63 4.03
C GLY A 11 -9.89 14.04 4.36
N GLU A 12 -8.72 14.15 4.97
CA GLU A 12 -8.11 15.40 5.37
C GLU A 12 -7.00 15.72 4.37
N VAL A 13 -6.74 17.02 4.19
CA VAL A 13 -5.74 17.49 3.25
C VAL A 13 -4.83 18.47 3.96
N ARG A 14 -3.53 18.34 3.72
CA ARG A 14 -2.53 19.24 4.25
C ARG A 14 -1.87 20.01 3.11
N LEU A 15 -1.51 21.25 3.40
CA LEU A 15 -0.74 22.05 2.48
C LEU A 15 0.67 22.21 3.04
N TYR A 16 1.65 22.27 2.14
CA TYR A 16 3.03 22.48 2.53
C TYR A 16 3.60 23.60 1.68
N GLN A 17 3.92 24.73 2.31
CA GLN A 17 4.51 25.85 1.59
C GLN A 17 5.99 25.60 1.27
N ILE A 18 6.30 25.63 -0.02
CA ILE A 18 7.67 25.44 -0.51
C ILE A 18 8.39 26.78 -0.66
N ALA A 19 7.67 27.79 -1.13
CA ALA A 19 8.28 29.04 -1.55
C ALA A 19 7.18 30.08 -1.57
N ASP A 20 7.57 31.33 -1.80
CA ASP A 20 6.56 32.37 -2.01
C ASP A 20 5.64 31.93 -3.12
N GLY A 21 4.36 31.76 -2.80
CA GLY A 21 3.36 31.47 -3.80
C GLY A 21 3.42 30.07 -4.37
N VAL A 22 4.09 29.13 -3.69
CA VAL A 22 4.18 27.74 -4.16
C VAL A 22 3.95 26.81 -2.98
N TRP A 23 2.97 25.90 -3.13
CA TRP A 23 2.68 24.89 -2.14
C TRP A 23 2.52 23.55 -2.83
N SER A 24 2.73 22.49 -2.06
CA SER A 24 2.20 21.19 -2.43
CA SER A 24 2.19 21.19 -2.42
C SER A 24 0.94 20.94 -1.59
N HIS A 25 0.06 20.10 -2.11
CA HIS A 25 -1.04 19.58 -1.32
C HIS A 25 -0.86 18.07 -1.15
N ILE A 26 -1.20 17.57 0.02
CA ILE A 26 -0.98 16.17 0.39
C ILE A 26 -2.26 15.57 0.92
N ALA A 27 -2.64 14.42 0.39
CA ALA A 27 -3.83 13.69 0.80
C ALA A 27 -3.45 12.21 0.86
N THR A 28 -4.40 11.41 1.30
CA THR A 28 -4.19 9.98 1.43
C THR A 28 -5.44 9.24 1.02
N GLN A 29 -5.23 8.00 0.60
CA GLN A 29 -6.33 7.19 0.12
C GLN A 29 -5.95 5.73 0.27
N SER A 30 -6.95 4.88 0.51
CA SER A 30 -6.78 3.44 0.49
CA SER A 30 -6.76 3.45 0.49
C SER A 30 -6.80 2.94 -0.95
N PHE A 31 -5.95 1.97 -1.25
CA PHE A 31 -5.94 1.34 -2.56
C PHE A 31 -5.41 -0.07 -2.40
N ASP A 32 -6.22 -1.05 -2.78
CA ASP A 32 -5.81 -2.45 -2.69
C ASP A 32 -5.41 -2.83 -1.27
N GLY A 33 -6.02 -2.20 -0.28
CA GLY A 33 -5.80 -2.58 1.09
C GLY A 33 -4.62 -1.91 1.77
N ALA A 34 -3.94 -0.97 1.11
CA ALA A 34 -2.91 -0.17 1.75
C ALA A 34 -3.28 1.29 1.63
N VAL A 35 -2.72 2.12 2.51
CA VAL A 35 -2.93 3.57 2.46
C VAL A 35 -1.72 4.25 1.84
N TYR A 36 -1.96 5.08 0.79
CA TYR A 36 -0.95 5.84 0.10
C TYR A 36 -1.15 7.34 0.32
N PRO A 37 -0.07 8.11 0.51
CA PRO A 37 -0.15 9.56 0.37
C PRO A 37 -0.07 9.92 -1.12
N SER A 38 -0.48 11.15 -1.43
CA SER A 38 -0.45 11.62 -2.80
CA SER A 38 -0.45 11.63 -2.81
C SER A 38 -0.25 13.13 -2.80
N ASN A 39 0.54 13.62 -3.75
CA ASN A 39 0.92 15.03 -3.83
C ASN A 39 0.32 15.66 -5.07
N GLY A 40 -0.01 16.94 -4.93
CA GLY A 40 -0.16 17.81 -6.07
C GLY A 40 0.44 19.17 -5.77
N LEU A 41 0.17 20.18 -6.59
CA LEU A 41 0.81 21.46 -6.43
C LEU A 41 -0.24 22.58 -6.49
N ILE A 42 0.10 23.69 -5.85
CA ILE A 42 -0.68 24.93 -5.93
C ILE A 42 0.31 26.05 -6.22
N VAL A 43 0.06 26.83 -7.27
CA VAL A 43 0.96 27.92 -7.67
C VAL A 43 0.15 29.20 -7.79
N ARG A 44 0.60 30.23 -7.09
CA ARG A 44 -0.07 31.52 -7.16
C ARG A 44 0.18 32.18 -8.50
N ASP A 45 -0.88 32.83 -9.02
CA ASP A 45 -1.00 33.29 -10.39
C ASP A 45 -1.69 34.66 -10.24
N GLY A 46 -0.88 35.68 -9.94
CA GLY A 46 -1.40 36.99 -9.59
C GLY A 46 -2.20 36.92 -8.32
N ASP A 47 -3.50 37.20 -8.41
CA ASP A 47 -4.39 37.08 -7.26
C ASP A 47 -5.26 35.82 -7.35
N GLU A 48 -4.85 34.84 -8.15
CA GLU A 48 -5.58 33.60 -8.33
C GLU A 48 -4.61 32.45 -8.09
N LEU A 49 -5.13 31.22 -8.10
CA LEU A 49 -4.29 30.04 -7.91
C LEU A 49 -4.46 29.09 -9.09
N LEU A 50 -3.36 28.46 -9.48
CA LEU A 50 -3.36 27.34 -10.42
C LEU A 50 -3.14 26.07 -9.63
N LEU A 51 -4.01 25.08 -9.85
CA LEU A 51 -3.93 23.79 -9.18
C LEU A 51 -3.34 22.77 -10.12
N ILE A 52 -2.39 21.96 -9.60
CA ILE A 52 -1.86 20.84 -10.36
C ILE A 52 -2.35 19.58 -9.66
N ASP A 53 -3.23 18.86 -10.34
CA ASP A 53 -3.77 17.58 -9.90
C ASP A 53 -4.80 17.71 -8.79
N THR A 54 -5.78 16.80 -8.81
CA THR A 54 -6.74 16.75 -7.73
C THR A 54 -6.10 16.11 -6.51
N ALA A 55 -6.88 15.94 -5.45
CA ALA A 55 -6.43 15.29 -4.22
C ALA A 55 -6.92 13.84 -4.13
N TRP A 56 -7.13 13.20 -5.28
CA TRP A 56 -7.47 11.78 -5.37
C TRP A 56 -8.86 11.50 -4.82
N GLY A 57 -9.86 11.87 -5.59
CA GLY A 57 -11.25 11.57 -5.30
C GLY A 57 -12.04 12.82 -4.92
N ALA A 58 -13.36 12.69 -5.05
CA ALA A 58 -14.27 13.79 -4.79
C ALA A 58 -14.17 14.29 -3.35
N LYS A 59 -14.22 13.38 -2.37
CA LYS A 59 -14.18 13.81 -0.97
C LYS A 59 -12.90 14.57 -0.66
N ASN A 60 -11.74 14.00 -1.04
CA ASN A 60 -10.48 14.68 -0.77
C ASN A 60 -10.40 16.02 -1.50
N THR A 61 -10.91 16.07 -2.73
CA THR A 61 -10.75 17.29 -3.51
C THR A 61 -11.62 18.42 -2.93
N ALA A 62 -12.80 18.08 -2.40
CA ALA A 62 -13.60 19.07 -1.67
C ALA A 62 -12.86 19.58 -0.43
N ALA A 63 -12.19 18.68 0.29
CA ALA A 63 -11.39 19.09 1.44
C ALA A 63 -10.24 19.98 1.00
N LEU A 64 -9.63 19.66 -0.14
CA LEU A 64 -8.54 20.45 -0.66
C LEU A 64 -9.00 21.87 -0.93
N LEU A 65 -10.15 22.04 -1.57
CA LEU A 65 -10.64 23.39 -1.81
C LEU A 65 -10.92 24.10 -0.50
N ALA A 66 -11.48 23.40 0.49
CA ALA A 66 -11.73 24.00 1.79
C ALA A 66 -10.43 24.41 2.48
N GLU A 67 -9.41 23.55 2.45
CA GLU A 67 -8.13 23.88 3.04
C GLU A 67 -7.48 25.09 2.35
N ILE A 68 -7.56 25.16 1.02
CA ILE A 68 -7.01 26.32 0.31
C ILE A 68 -7.69 27.61 0.76
N GLU A 69 -9.02 27.59 0.84
CA GLU A 69 -9.73 28.79 1.26
C GLU A 69 -9.32 29.19 2.66
N LYS A 70 -9.18 28.22 3.56
CA LYS A 70 -8.80 28.51 4.94
C LYS A 70 -7.37 29.03 5.04
N GLN A 71 -6.42 28.37 4.37
CA GLN A 71 -5.01 28.66 4.56
C GLN A 71 -4.47 29.74 3.63
N ILE A 72 -5.10 29.95 2.47
CA ILE A 72 -4.57 30.85 1.45
C ILE A 72 -5.55 31.96 1.11
N GLY A 73 -6.82 31.60 0.91
CA GLY A 73 -7.85 32.61 0.69
C GLY A 73 -7.86 33.24 -0.69
N LEU A 74 -7.31 32.55 -1.70
CA LEU A 74 -7.33 33.01 -3.08
C LEU A 74 -8.08 31.96 -3.90
N PRO A 75 -8.72 32.37 -4.99
CA PRO A 75 -9.55 31.42 -5.74
C PRO A 75 -8.70 30.56 -6.67
N VAL A 76 -9.01 29.27 -6.70
CA VAL A 76 -8.46 28.40 -7.74
C VAL A 76 -9.25 28.63 -9.01
N THR A 77 -8.60 29.13 -10.05
CA THR A 77 -9.29 29.43 -11.30
C THR A 77 -9.02 28.43 -12.40
N ARG A 78 -7.90 27.70 -12.34
CA ARG A 78 -7.60 26.68 -13.33
C ARG A 78 -6.93 25.52 -12.63
N ALA A 79 -7.08 24.33 -13.21
CA ALA A 79 -6.39 23.15 -12.70
C ALA A 79 -5.87 22.36 -13.90
N VAL A 80 -4.73 21.72 -13.72
CA VAL A 80 -4.14 20.83 -14.73
C VAL A 80 -4.02 19.45 -14.10
N SER A 81 -4.45 18.42 -14.83
CA SER A 81 -4.25 17.02 -14.41
C SER A 81 -3.09 16.44 -15.23
N THR A 82 -2.10 15.83 -14.53
CA THR A 82 -0.86 15.41 -15.16
C THR A 82 -0.89 14.02 -15.80
N HIS A 83 -1.91 13.19 -15.54
CA HIS A 83 -2.25 12.05 -16.40
C HIS A 83 -3.67 11.60 -16.06
N PHE A 84 -4.11 10.52 -16.72
CA PHE A 84 -5.53 10.14 -16.73
C PHE A 84 -5.98 9.34 -15.51
N HIS A 85 -5.07 8.92 -14.63
CA HIS A 85 -5.47 8.02 -13.57
C HIS A 85 -6.23 8.76 -12.46
N ASP A 86 -6.91 7.97 -11.61
CA ASP A 86 -7.88 8.53 -10.67
C ASP A 86 -7.24 9.40 -9.60
N ASP A 87 -5.96 9.20 -9.27
CA ASP A 87 -5.38 10.11 -8.31
C ASP A 87 -5.04 11.48 -8.89
N ARG A 88 -5.25 11.69 -10.20
CA ARG A 88 -4.94 12.97 -10.84
C ARG A 88 -6.16 13.65 -11.41
N VAL A 89 -7.18 12.87 -11.78
CA VAL A 89 -8.44 13.42 -12.30
C VAL A 89 -9.65 13.13 -11.41
N GLY A 90 -9.53 12.22 -10.45
CA GLY A 90 -10.60 11.97 -9.52
C GLY A 90 -10.85 13.18 -8.65
N GLY A 91 -12.01 13.81 -8.82
CA GLY A 91 -12.30 15.10 -8.21
C GLY A 91 -12.48 16.23 -9.20
N VAL A 92 -12.23 15.97 -10.50
CA VAL A 92 -12.36 17.02 -11.51
C VAL A 92 -13.79 17.57 -11.54
N ASP A 93 -14.78 16.70 -11.30
CA ASP A 93 -16.17 17.17 -11.31
C ASP A 93 -16.42 18.14 -10.15
N VAL A 94 -15.82 17.86 -8.98
CA VAL A 94 -15.87 18.78 -7.85
C VAL A 94 -15.25 20.12 -8.24
N LEU A 95 -14.10 20.08 -8.91
CA LEU A 95 -13.45 21.32 -9.32
C LEU A 95 -14.35 22.09 -10.27
N ARG A 96 -14.93 21.39 -11.24
CA ARG A 96 -15.74 22.04 -12.27
C ARG A 96 -16.97 22.68 -11.65
N ALA A 97 -17.59 21.99 -10.70
CA ALA A 97 -18.79 22.54 -10.07
C ALA A 97 -18.48 23.78 -9.25
N ALA A 98 -17.25 23.88 -8.73
CA ALA A 98 -16.78 25.07 -8.03
C ALA A 98 -16.35 26.20 -8.95
N GLY A 99 -16.46 26.04 -10.27
CA GLY A 99 -16.07 27.07 -11.22
C GLY A 99 -14.62 27.03 -11.68
N VAL A 100 -13.88 25.98 -11.34
CA VAL A 100 -12.51 25.87 -11.80
C VAL A 100 -12.52 25.38 -13.23
N ALA A 101 -11.69 26.01 -14.08
CA ALA A 101 -11.42 25.57 -15.44
C ALA A 101 -10.42 24.42 -15.38
N THR A 102 -10.87 23.21 -15.70
CA THR A 102 -10.03 22.02 -15.64
C THR A 102 -9.45 21.74 -17.02
N TYR A 103 -8.18 21.36 -17.05
CA TYR A 103 -7.39 21.19 -18.26
C TYR A 103 -6.63 19.88 -18.17
N ALA A 104 -6.39 19.29 -19.34
CA ALA A 104 -5.48 18.15 -19.49
C ALA A 104 -5.16 18.05 -20.98
N SER A 105 -4.12 17.29 -21.30
CA SER A 105 -3.78 17.13 -22.72
C SER A 105 -4.86 16.30 -23.41
N PRO A 106 -5.00 16.45 -24.75
CA PRO A 106 -5.94 15.55 -25.47
C PRO A 106 -5.66 14.06 -25.21
N SER A 107 -4.39 13.67 -25.08
N SER A 107 -4.39 13.68 -25.09
CA SER A 107 -4.07 12.29 -24.76
CA SER A 107 -4.02 12.30 -24.76
C SER A 107 -4.68 11.89 -23.42
C SER A 107 -4.65 11.89 -23.43
N THR A 108 -4.50 12.72 -22.40
CA THR A 108 -5.06 12.42 -21.10
C THR A 108 -6.58 12.37 -21.15
N ARG A 109 -7.19 13.30 -21.89
CA ARG A 109 -8.63 13.31 -22.01
C ARG A 109 -9.15 12.05 -22.68
N ARG A 110 -8.50 11.61 -23.76
CA ARG A 110 -8.95 10.39 -24.43
C ARG A 110 -8.82 9.19 -23.52
N LEU A 111 -7.69 9.09 -22.82
CA LEU A 111 -7.46 7.91 -22.00
C LEU A 111 -8.39 7.86 -20.80
N ALA A 112 -8.64 9.02 -20.18
CA ALA A 112 -9.62 9.08 -19.09
C ALA A 112 -10.99 8.62 -19.59
N GLU A 113 -11.42 9.12 -20.75
CA GLU A 113 -12.70 8.69 -21.31
C GLU A 113 -12.75 7.17 -21.47
N VAL A 114 -11.69 6.60 -22.05
CA VAL A 114 -11.62 5.15 -22.26
C VAL A 114 -11.73 4.41 -20.92
N GLU A 115 -11.01 4.87 -19.92
CA GLU A 115 -10.94 4.24 -18.61
C GLU A 115 -12.18 4.47 -17.76
N GLY A 116 -13.08 5.38 -18.14
CA GLY A 116 -14.17 5.70 -17.25
C GLY A 116 -13.85 6.68 -16.15
N ASN A 117 -12.75 7.44 -16.27
CA ASN A 117 -12.42 8.43 -15.26
C ASN A 117 -12.96 9.80 -15.65
N GLU A 118 -12.99 10.71 -14.66
CA GLU A 118 -13.46 12.05 -14.95
C GLU A 118 -12.56 12.71 -16.00
N ILE A 119 -13.14 13.62 -16.76
CA ILE A 119 -12.45 14.13 -17.94
C ILE A 119 -12.37 15.64 -17.78
N PRO A 120 -11.17 16.20 -17.63
CA PRO A 120 -11.04 17.66 -17.61
C PRO A 120 -11.59 18.27 -18.89
N THR A 121 -12.20 19.46 -18.73
CA THR A 121 -12.97 20.08 -19.81
C THR A 121 -12.07 20.61 -20.93
N HIS A 122 -11.06 21.40 -20.58
CA HIS A 122 -10.19 22.07 -21.54
C HIS A 122 -9.01 21.20 -21.97
N SER A 123 -8.50 21.47 -23.17
CA SER A 123 -7.41 20.72 -23.77
C SER A 123 -6.12 21.54 -23.85
N LEU A 124 -5.02 20.98 -23.37
CA LEU A 124 -3.72 21.60 -23.49
C LEU A 124 -3.09 21.18 -24.82
N GLU A 125 -2.90 22.14 -25.72
CA GLU A 125 -2.25 21.88 -26.99
C GLU A 125 -0.74 22.04 -26.85
N GLY A 126 -0.01 21.49 -27.82
CA GLY A 126 1.41 21.65 -27.87
C GLY A 126 2.22 20.68 -27.05
N LEU A 127 1.63 19.58 -26.60
CA LEU A 127 2.33 18.66 -25.70
C LEU A 127 2.34 17.23 -26.19
N SER A 128 2.09 16.99 -27.49
CA SER A 128 1.89 15.63 -27.96
C SER A 128 3.19 14.89 -28.33
N SER A 129 4.34 15.56 -28.45
CA SER A 129 5.59 14.90 -28.80
C SER A 129 6.59 15.01 -27.66
N SER A 130 7.32 13.93 -27.42
CA SER A 130 8.32 13.94 -26.35
C SER A 130 9.26 15.10 -26.52
N GLY A 131 9.53 15.82 -25.43
CA GLY A 131 10.33 17.01 -25.47
C GLY A 131 9.56 18.31 -25.55
N ASP A 132 8.24 18.25 -25.80
CA ASP A 132 7.44 19.45 -25.94
C ASP A 132 7.22 20.15 -24.61
N ALA A 133 7.31 21.49 -24.62
CA ALA A 133 7.06 22.30 -23.43
C ALA A 133 6.14 23.46 -23.79
N VAL A 134 5.23 23.81 -22.87
CA VAL A 134 4.35 24.95 -23.07
C VAL A 134 4.25 25.74 -21.78
N ARG A 135 4.22 27.05 -21.91
CA ARG A 135 4.00 27.93 -20.77
C ARG A 135 2.51 27.90 -20.41
N PHE A 136 2.22 27.81 -19.10
CA PHE A 136 0.84 27.85 -18.61
C PHE A 136 0.83 28.73 -17.36
N GLY A 137 0.63 30.02 -17.56
CA GLY A 137 0.66 30.93 -16.45
C GLY A 137 2.01 30.86 -15.75
N PRO A 138 2.01 30.62 -14.43
CA PRO A 138 3.26 30.64 -13.66
C PRO A 138 4.05 29.34 -13.67
N VAL A 139 3.69 28.39 -14.53
CA VAL A 139 4.41 27.13 -14.67
C VAL A 139 4.74 26.89 -16.14
N GLU A 140 5.69 25.98 -16.36
CA GLU A 140 5.90 25.35 -17.66
C GLU A 140 5.42 23.91 -17.54
N LEU A 141 4.66 23.46 -18.53
CA LEU A 141 4.29 22.05 -18.64
C LEU A 141 5.21 21.37 -19.62
N PHE A 142 5.59 20.12 -19.34
CA PHE A 142 6.55 19.41 -20.16
C PHE A 142 6.10 17.97 -20.38
N TYR A 143 6.15 17.52 -21.62
CA TYR A 143 5.84 16.13 -21.90
C TYR A 143 7.14 15.40 -22.14
N PRO A 144 7.62 14.59 -21.20
CA PRO A 144 8.95 14.00 -21.34
C PRO A 144 8.96 12.76 -22.22
N GLY A 145 7.81 12.25 -22.61
CA GLY A 145 7.72 10.93 -23.20
C GLY A 145 6.99 9.96 -22.27
N ALA A 146 6.67 8.79 -22.84
CA ALA A 146 5.94 7.77 -22.07
C ALA A 146 6.80 7.28 -20.92
N ALA A 147 6.18 7.07 -19.76
CA ALA A 147 6.93 6.62 -18.61
C ALA A 147 5.97 5.87 -17.70
N HIS A 148 5.56 6.47 -16.58
CA HIS A 148 4.54 5.87 -15.77
C HIS A 148 3.26 5.64 -16.56
N SER A 149 2.96 6.54 -17.49
CA SER A 149 1.85 6.41 -18.43
C SER A 149 2.26 7.09 -19.74
N THR A 150 1.48 6.84 -20.80
CA THR A 150 1.84 7.42 -22.11
C THR A 150 1.59 8.93 -22.14
N ASP A 151 0.73 9.44 -21.27
CA ASP A 151 0.33 10.84 -21.28
C ASP A 151 0.95 11.67 -20.17
N ASN A 152 1.85 11.09 -19.36
CA ASN A 152 2.23 11.80 -18.15
C ASN A 152 2.98 13.10 -18.46
N LEU A 153 2.56 14.19 -17.81
CA LEU A 153 3.21 15.49 -17.83
C LEU A 153 3.94 15.74 -16.52
N VAL A 154 5.01 16.54 -16.59
CA VAL A 154 5.65 17.11 -15.41
C VAL A 154 5.48 18.63 -15.46
N VAL A 155 5.65 19.27 -14.30
CA VAL A 155 5.37 20.70 -14.15
C VAL A 155 6.52 21.37 -13.43
N TYR A 156 7.02 22.47 -14.01
CA TYR A 156 8.14 23.22 -13.44
C TYR A 156 7.68 24.63 -13.12
N VAL A 157 8.08 25.11 -11.94
CA VAL A 157 7.77 26.45 -11.46
C VAL A 157 9.06 27.26 -11.49
N PRO A 158 9.32 28.05 -12.54
CA PRO A 158 10.65 28.66 -12.63
C PRO A 158 10.98 29.61 -11.49
N SER A 159 9.98 30.28 -10.93
CA SER A 159 10.24 31.25 -9.88
C SER A 159 10.80 30.61 -8.62
N ALA A 160 10.52 29.32 -8.40
CA ALA A 160 10.91 28.63 -7.18
C ALA A 160 11.82 27.44 -7.40
N SER A 161 12.17 27.13 -8.66
CA SER A 161 12.98 25.95 -9.00
C SER A 161 12.33 24.68 -8.46
N VAL A 162 11.02 24.59 -8.58
CA VAL A 162 10.27 23.43 -8.13
C VAL A 162 9.88 22.62 -9.35
N LEU A 163 10.20 21.34 -9.32
CA LEU A 163 9.81 20.38 -10.37
C LEU A 163 8.86 19.36 -9.75
N TYR A 164 7.62 19.31 -10.27
CA TYR A 164 6.62 18.33 -9.84
C TYR A 164 6.64 17.21 -10.87
N GLY A 165 7.04 16.03 -10.47
CA GLY A 165 7.17 14.93 -11.40
C GLY A 165 5.94 14.07 -11.58
N GLY A 166 4.97 14.24 -10.69
CA GLY A 166 3.82 13.36 -10.72
C GLY A 166 4.28 11.91 -10.58
N CYS A 167 3.44 10.99 -11.06
CA CYS A 167 3.65 9.57 -10.81
C CYS A 167 4.79 8.97 -11.60
N ALA A 168 5.37 9.73 -12.52
CA ALA A 168 6.57 9.33 -13.23
C ALA A 168 7.82 9.39 -12.35
N ILE A 169 7.76 10.05 -11.20
CA ILE A 169 8.90 10.16 -10.29
C ILE A 169 8.50 9.51 -8.96
N TYR A 170 9.38 8.64 -8.44
CA TYR A 170 9.18 7.90 -7.19
C TYR A 170 9.96 8.56 -6.06
N GLU A 171 9.40 8.52 -4.85
CA GLU A 171 10.13 8.94 -3.67
C GLU A 171 11.18 7.87 -3.34
N LEU A 172 12.17 8.30 -2.55
CA LEU A 172 13.28 7.42 -2.17
C LEU A 172 12.81 6.20 -1.41
N SER A 173 11.85 6.33 -0.51
CA SER A 173 11.38 5.18 0.25
CA SER A 173 11.32 5.21 0.26
C SER A 173 10.73 4.12 -0.62
N ARG A 174 10.42 4.42 -1.88
CA ARG A 174 9.78 3.45 -2.77
C ARG A 174 10.91 2.76 -3.52
N THR A 175 11.21 1.52 -3.16
CA THR A 175 12.28 0.78 -3.81
C THR A 175 11.77 -0.30 -4.74
N SER A 176 10.46 -0.40 -4.95
CA SER A 176 9.91 -1.28 -5.96
C SER A 176 8.84 -0.51 -6.73
N ALA A 177 8.56 -0.98 -7.94
CA ALA A 177 7.67 -0.25 -8.84
C ALA A 177 6.24 -0.22 -8.31
N GLY A 178 5.56 0.90 -8.59
CA GLY A 178 4.12 1.00 -8.35
C GLY A 178 3.33 0.31 -9.42
N ASN A 179 2.16 0.88 -9.74
CA ASN A 179 1.36 0.34 -10.83
C ASN A 179 2.11 0.57 -12.14
N VAL A 180 2.29 -0.50 -12.93
CA VAL A 180 2.97 -0.37 -14.22
C VAL A 180 2.13 -0.89 -15.37
N ALA A 181 0.87 -1.26 -15.12
CA ALA A 181 0.04 -1.81 -16.19
C ALA A 181 -0.06 -0.84 -17.37
N ASP A 182 -0.06 0.46 -17.10
CA ASP A 182 -0.17 1.47 -18.15
C ASP A 182 1.16 2.08 -18.52
N ALA A 183 2.26 1.58 -17.97
CA ALA A 183 3.55 2.21 -18.14
C ALA A 183 4.21 1.77 -19.43
N ASP A 184 5.21 2.52 -19.83
CA ASP A 184 6.14 2.17 -20.89
C ASP A 184 7.49 2.01 -20.20
N LEU A 185 7.75 0.80 -19.74
CA LEU A 185 9.00 0.56 -19.02
C LEU A 185 10.22 0.80 -19.90
N ALA A 186 10.14 0.41 -21.18
CA ALA A 186 11.25 0.57 -22.10
C ALA A 186 11.65 2.03 -22.28
N GLU A 187 10.68 2.94 -22.26
CA GLU A 187 10.95 4.34 -22.52
C GLU A 187 11.13 5.17 -21.24
N TRP A 188 10.71 4.64 -20.09
CA TRP A 188 10.66 5.42 -18.86
C TRP A 188 12.01 6.05 -18.51
N PRO A 189 13.12 5.30 -18.49
CA PRO A 189 14.41 5.98 -18.20
C PRO A 189 14.79 7.06 -19.21
N THR A 190 14.50 6.86 -20.50
CA THR A 190 14.75 7.89 -21.51
C THR A 190 13.92 9.14 -21.24
N SER A 191 12.64 8.96 -20.90
CA SER A 191 11.82 10.11 -20.53
C SER A 191 12.37 10.85 -19.32
N ILE A 192 12.84 10.12 -18.29
CA ILE A 192 13.46 10.79 -17.13
C ILE A 192 14.68 11.59 -17.56
N GLU A 193 15.52 11.02 -18.44
CA GLU A 193 16.66 11.77 -18.97
C GLU A 193 16.21 13.09 -19.58
N ARG A 194 15.12 13.08 -20.36
CA ARG A 194 14.66 14.32 -20.96
C ARG A 194 14.28 15.33 -19.89
N ILE A 195 13.75 14.87 -18.76
CA ILE A 195 13.44 15.77 -17.67
C ILE A 195 14.72 16.40 -17.12
N GLN A 196 15.68 15.55 -16.78
CA GLN A 196 17.01 16.00 -16.33
C GLN A 196 17.60 17.01 -17.29
N GLN A 197 17.56 16.71 -18.59
CA GLN A 197 18.19 17.60 -19.56
C GLN A 197 17.46 18.92 -19.67
N HIS A 198 16.14 18.93 -19.51
CA HIS A 198 15.36 20.15 -19.67
C HIS A 198 15.34 21.02 -18.41
N TYR A 199 15.38 20.42 -17.22
CA TYR A 199 15.27 21.14 -15.96
C TYR A 199 16.47 20.86 -15.05
N PRO A 200 17.69 20.96 -15.56
CA PRO A 200 18.87 20.64 -14.73
C PRO A 200 19.01 21.56 -13.53
N GLU A 201 18.37 22.73 -13.56
CA GLU A 201 18.45 23.71 -12.49
C GLU A 201 17.48 23.43 -11.34
N ALA A 202 16.64 22.40 -11.43
CA ALA A 202 15.63 22.22 -10.39
C ALA A 202 16.29 21.94 -9.06
N GLN A 203 15.73 22.52 -7.99
CA GLN A 203 16.19 22.33 -6.62
C GLN A 203 15.26 21.49 -5.75
N PHE A 204 13.93 21.56 -5.96
CA PHE A 204 13.00 20.83 -5.10
C PHE A 204 12.14 20.00 -6.04
N VAL A 205 12.25 18.68 -5.91
CA VAL A 205 11.57 17.72 -6.79
C VAL A 205 10.52 16.99 -5.98
N ILE A 206 9.31 16.93 -6.54
CA ILE A 206 8.15 16.40 -5.84
C ILE A 206 7.66 15.15 -6.59
N PRO A 207 7.65 13.99 -5.96
CA PRO A 207 7.12 12.80 -6.61
C PRO A 207 5.60 12.81 -6.50
N GLY A 208 4.96 11.93 -7.27
CA GLY A 208 3.52 11.81 -7.16
C GLY A 208 3.06 11.34 -5.80
N HIS A 209 3.87 10.53 -5.11
CA HIS A 209 3.50 10.01 -3.81
C HIS A 209 4.73 10.06 -2.93
N GLY A 210 4.63 10.75 -1.80
CA GLY A 210 5.69 10.73 -0.80
C GLY A 210 6.55 11.98 -0.73
N LEU A 211 7.75 11.79 -0.13
CA LEU A 211 8.52 12.94 0.31
C LEU A 211 9.28 13.57 -0.85
N PRO A 212 9.34 14.90 -0.92
CA PRO A 212 10.18 15.52 -1.94
C PRO A 212 11.65 15.38 -1.66
N GLY A 213 12.44 15.60 -2.70
CA GLY A 213 13.89 15.64 -2.59
C GLY A 213 14.47 16.54 -3.64
N GLY A 214 15.62 16.15 -4.19
CA GLY A 214 16.25 16.88 -5.26
C GLY A 214 16.23 16.09 -6.55
N LEU A 215 17.12 16.48 -7.47
CA LEU A 215 17.15 15.81 -8.75
C LEU A 215 17.59 14.38 -8.59
N ASP A 216 18.17 14.02 -7.43
CA ASP A 216 18.48 12.63 -7.18
C ASP A 216 17.24 11.72 -7.22
N LEU A 217 16.04 12.27 -7.06
CA LEU A 217 14.83 11.47 -7.21
C LEU A 217 14.69 10.89 -8.63
N LEU A 218 15.26 11.58 -9.63
CA LEU A 218 15.21 11.10 -11.01
C LEU A 218 16.15 9.90 -11.18
N LYS A 219 17.35 9.97 -10.61
CA LYS A 219 18.23 8.79 -10.62
C LYS A 219 17.62 7.66 -9.80
N HIS A 220 17.00 7.97 -8.68
CA HIS A 220 16.38 6.92 -7.89
C HIS A 220 15.31 6.19 -8.69
N THR A 221 14.46 6.97 -9.38
CA THR A 221 13.39 6.38 -10.16
C THR A 221 13.95 5.53 -11.28
N THR A 222 14.98 6.03 -11.95
CA THR A 222 15.63 5.22 -12.98
C THR A 222 16.13 3.90 -12.39
N ASN A 223 16.78 3.95 -11.23
CA ASN A 223 17.30 2.71 -10.64
C ASN A 223 16.16 1.72 -10.43
N VAL A 224 15.05 2.20 -9.87
CA VAL A 224 13.93 1.33 -9.52
C VAL A 224 13.29 0.76 -10.77
N VAL A 225 13.06 1.62 -11.78
CA VAL A 225 12.42 1.15 -13.00
C VAL A 225 13.30 0.14 -13.72
N LYS A 226 14.61 0.38 -13.78
CA LYS A 226 15.50 -0.57 -14.42
C LYS A 226 15.55 -1.88 -13.64
N ALA A 227 15.54 -1.82 -12.31
CA ALA A 227 15.50 -3.06 -11.53
C ALA A 227 14.22 -3.82 -11.79
N HIS A 228 13.09 -3.11 -11.86
CA HIS A 228 11.84 -3.78 -12.17
C HIS A 228 11.90 -4.42 -13.54
N THR A 229 12.41 -3.68 -14.53
CA THR A 229 12.54 -4.19 -15.90
C THR A 229 13.26 -5.52 -15.89
N ASN A 230 14.26 -5.67 -15.02
CA ASN A 230 15.10 -6.86 -15.02
C ASN A 230 14.53 -7.99 -14.18
N ARG A 231 13.42 -7.77 -13.48
CA ARG A 231 12.78 -8.83 -12.70
C ARG A 231 11.28 -8.87 -13.01
N SER A 232 10.62 -9.94 -12.58
N GLU B 1 -16.39 -1.12 13.60
CA GLU B 1 -16.34 -2.56 13.43
C GLU B 1 -14.88 -3.05 13.60
N TYR B 2 -14.41 -3.84 12.65
CA TYR B 2 -13.01 -4.26 12.67
C TYR B 2 -12.11 -3.08 12.35
N PRO B 3 -11.01 -2.90 13.09
CA PRO B 3 -10.14 -1.76 12.83
C PRO B 3 -9.52 -1.83 11.43
N THR B 4 -9.62 -0.73 10.70
CA THR B 4 -9.03 -0.63 9.38
C THR B 4 -7.68 0.05 9.47
N VAL B 5 -6.92 -0.08 8.39
CA VAL B 5 -5.55 0.40 8.36
C VAL B 5 -5.47 1.90 8.62
N SER B 6 -6.48 2.67 8.18
CA SER B 6 -6.45 4.11 8.39
CA SER B 6 -6.44 4.11 8.40
C SER B 6 -6.51 4.47 9.87
N GLU B 7 -7.14 3.63 10.69
CA GLU B 7 -7.38 3.93 12.10
C GLU B 7 -6.28 3.47 13.03
N ILE B 8 -5.18 2.93 12.53
CA ILE B 8 -4.12 2.45 13.42
C ILE B 8 -2.81 3.12 13.04
N PRO B 9 -2.22 3.93 13.91
CA PRO B 9 -0.89 4.46 13.60
C PRO B 9 0.17 3.40 13.77
N VAL B 10 1.23 3.51 12.97
CA VAL B 10 2.32 2.55 13.05
C VAL B 10 2.93 2.63 14.43
N GLY B 11 3.23 1.46 15.01
CA GLY B 11 3.83 1.35 16.31
C GLY B 11 2.87 0.87 17.37
N GLU B 12 1.58 1.12 17.19
CA GLU B 12 0.60 0.65 18.16
C GLU B 12 -0.25 -0.49 17.59
N VAL B 13 -0.78 -1.28 18.51
CA VAL B 13 -1.41 -2.55 18.21
C VAL B 13 -2.77 -2.53 18.85
N ARG B 14 -3.76 -2.97 18.10
CA ARG B 14 -5.13 -3.11 18.55
C ARG B 14 -5.51 -4.59 18.64
N LEU B 15 -6.32 -4.91 19.62
CA LEU B 15 -6.87 -6.25 19.77
C LEU B 15 -8.36 -6.20 19.46
N TYR B 16 -8.84 -7.20 18.75
CA TYR B 16 -10.25 -7.28 18.37
C TYR B 16 -10.79 -8.62 18.81
N GLN B 17 -11.76 -8.60 19.73
CA GLN B 17 -12.33 -9.82 20.28
C GLN B 17 -13.36 -10.38 19.31
N ILE B 18 -13.13 -11.61 18.89
CA ILE B 18 -13.96 -12.30 17.93
C ILE B 18 -14.98 -13.21 18.62
N ALA B 19 -14.55 -13.89 19.68
CA ALA B 19 -15.37 -14.83 20.42
C ALA B 19 -14.81 -14.94 21.83
N ASP B 20 -15.50 -15.72 22.66
CA ASP B 20 -14.95 -16.03 23.98
C ASP B 20 -13.55 -16.61 23.79
N GLY B 21 -12.55 -15.91 24.34
CA GLY B 21 -11.18 -16.42 24.31
C GLY B 21 -10.47 -16.36 22.97
N VAL B 22 -10.99 -15.61 22.00
CA VAL B 22 -10.39 -15.54 20.68
C VAL B 22 -10.34 -14.08 20.25
N TRP B 23 -9.15 -13.58 19.95
CA TRP B 23 -8.94 -12.24 19.47
C TRP B 23 -8.05 -12.29 18.25
N SER B 24 -8.15 -11.24 17.44
CA SER B 24 -7.15 -10.95 16.44
CA SER B 24 -7.15 -10.94 16.43
C SER B 24 -6.33 -9.77 16.95
N HIS B 25 -5.09 -9.69 16.49
CA HIS B 25 -4.25 -8.53 16.75
C HIS B 25 -3.95 -7.87 15.43
N ILE B 26 -3.94 -6.54 15.43
CA ILE B 26 -3.82 -5.75 14.21
C ILE B 26 -2.75 -4.71 14.43
N ALA B 27 -1.77 -4.66 13.53
CA ALA B 27 -0.70 -3.70 13.58
C ALA B 27 -0.56 -3.12 12.20
N THR B 28 0.25 -2.09 12.08
CA THR B 28 0.48 -1.46 10.80
C THR B 28 1.98 -1.27 10.61
N GLN B 29 2.36 -1.11 9.36
CA GLN B 29 3.76 -0.96 9.03
C GLN B 29 3.85 -0.21 7.71
N SER B 30 4.84 0.68 7.60
CA SER B 30 5.16 1.31 6.32
C SER B 30 6.04 0.38 5.51
N PHE B 31 5.76 0.32 4.22
CA PHE B 31 6.46 -0.62 3.36
C PHE B 31 6.39 -0.03 1.95
N ASP B 32 7.54 0.39 1.43
CA ASP B 32 7.66 0.94 0.07
C ASP B 32 6.91 2.25 -0.10
N GLY B 33 6.59 2.95 0.99
CA GLY B 33 5.94 4.22 0.88
C GLY B 33 4.42 4.18 1.04
N ALA B 34 3.88 3.03 1.42
CA ALA B 34 2.47 2.88 1.72
C ALA B 34 2.33 2.16 3.05
N VAL B 35 1.23 2.43 3.77
CA VAL B 35 0.97 1.80 5.06
C VAL B 35 0.05 0.61 4.88
N TYR B 36 0.50 -0.56 5.40
CA TYR B 36 -0.23 -1.82 5.36
C TYR B 36 -0.66 -2.23 6.76
N PRO B 37 -1.86 -2.78 6.94
CA PRO B 37 -2.18 -3.45 8.19
C PRO B 37 -1.79 -4.92 8.10
N SER B 38 -1.77 -5.57 9.26
CA SER B 38 -1.43 -6.99 9.32
CA SER B 38 -1.45 -6.99 9.33
C SER B 38 -2.16 -7.58 10.52
N ASN B 39 -2.69 -8.79 10.33
CA ASN B 39 -3.44 -9.50 11.35
C ASN B 39 -2.66 -10.69 11.89
N GLY B 40 -2.94 -11.01 13.14
CA GLY B 40 -2.54 -12.27 13.74
C GLY B 40 -3.65 -12.68 14.67
N LEU B 41 -3.42 -13.75 15.44
CA LEU B 41 -4.44 -14.30 16.30
C LEU B 41 -3.90 -14.45 17.73
N ILE B 42 -4.81 -14.38 18.70
CA ILE B 42 -4.57 -14.71 20.10
C ILE B 42 -5.69 -15.66 20.53
N VAL B 43 -5.34 -16.81 21.10
CA VAL B 43 -6.34 -17.82 21.49
C VAL B 43 -6.06 -18.22 22.93
N ARG B 44 -7.05 -18.05 23.82
CA ARG B 44 -6.89 -18.45 25.21
C ARG B 44 -6.77 -19.97 25.30
N ASP B 45 -5.84 -20.42 26.15
CA ASP B 45 -5.42 -21.81 26.30
C ASP B 45 -5.35 -22.01 27.81
N GLY B 46 -6.50 -22.35 28.41
CA GLY B 46 -6.62 -22.36 29.84
C GLY B 46 -6.45 -20.98 30.42
N ASP B 47 -5.48 -20.81 31.31
CA ASP B 47 -5.15 -19.51 31.88
C ASP B 47 -3.92 -18.89 31.23
N GLU B 48 -3.53 -19.37 30.05
CA GLU B 48 -2.43 -18.85 29.26
C GLU B 48 -2.96 -18.46 27.88
N LEU B 49 -2.08 -17.92 27.04
CA LEU B 49 -2.48 -17.52 25.71
C LEU B 49 -1.56 -18.12 24.66
N LEU B 50 -2.15 -18.53 23.53
CA LEU B 50 -1.40 -18.89 22.33
C LEU B 50 -1.45 -17.73 21.33
N LEU B 51 -0.28 -17.33 20.84
CA LEU B 51 -0.17 -16.27 19.85
C LEU B 51 0.08 -16.89 18.47
N ILE B 52 -0.72 -16.51 17.48
CA ILE B 52 -0.41 -16.83 16.09
C ILE B 52 0.13 -15.57 15.41
N ASP B 53 1.40 -15.66 15.02
CA ASP B 53 2.17 -14.65 14.27
C ASP B 53 2.58 -13.43 15.08
N THR B 54 3.71 -12.84 14.72
CA THR B 54 4.19 -11.63 15.36
C THR B 54 3.36 -10.45 14.86
N ALA B 55 3.64 -9.26 15.36
CA ALA B 55 2.96 -8.05 14.88
C ALA B 55 3.80 -7.30 13.86
N TRP B 56 4.59 -8.03 13.08
CA TRP B 56 5.38 -7.49 11.98
C TRP B 56 6.47 -6.55 12.50
N GLY B 57 7.50 -7.12 13.09
CA GLY B 57 8.70 -6.43 13.50
C GLY B 57 8.82 -6.36 15.03
N ALA B 58 10.05 -6.09 15.47
CA ALA B 58 10.34 -6.07 16.91
C ALA B 58 9.56 -4.99 17.65
N LYS B 59 9.54 -3.75 17.13
CA LYS B 59 8.85 -2.68 17.84
C LYS B 59 7.38 -3.02 18.02
N ASN B 60 6.70 -3.38 16.91
CA ASN B 60 5.27 -3.72 16.99
C ASN B 60 5.03 -4.89 17.92
N THR B 61 5.91 -5.89 17.91
CA THR B 61 5.68 -7.09 18.70
C THR B 61 5.86 -6.80 20.18
N ALA B 62 6.83 -5.93 20.52
CA ALA B 62 6.90 -5.45 21.90
C ALA B 62 5.61 -4.75 22.32
N ALA B 63 5.03 -3.91 21.44
CA ALA B 63 3.77 -3.24 21.77
C ALA B 63 2.61 -4.23 21.88
N LEU B 64 2.59 -5.25 21.02
CA LEU B 64 1.60 -6.32 21.13
C LEU B 64 1.63 -6.95 22.52
N LEU B 65 2.82 -7.33 22.98
CA LEU B 65 2.89 -7.95 24.30
C LEU B 65 2.40 -7.01 25.38
N ALA B 66 2.74 -5.72 25.28
CA ALA B 66 2.27 -4.75 26.27
C ALA B 66 0.77 -4.58 26.19
N GLU B 67 0.21 -4.59 24.97
CA GLU B 67 -1.24 -4.45 24.84
C GLU B 67 -1.97 -5.68 25.39
N ILE B 68 -1.41 -6.88 25.16
CA ILE B 68 -1.97 -8.09 25.78
C ILE B 68 -1.94 -7.99 27.30
N GLU B 69 -0.78 -7.60 27.87
CA GLU B 69 -0.71 -7.38 29.32
C GLU B 69 -1.83 -6.45 29.79
N LYS B 70 -2.00 -5.33 29.09
CA LYS B 70 -2.95 -4.29 29.52
C LYS B 70 -4.39 -4.77 29.42
N GLN B 71 -4.76 -5.38 28.28
CA GLN B 71 -6.16 -5.66 27.98
C GLN B 71 -6.61 -7.05 28.42
N ILE B 72 -5.71 -8.04 28.45
CA ILE B 72 -6.07 -9.42 28.75
C ILE B 72 -5.42 -9.92 30.03
N GLY B 73 -4.14 -9.61 30.24
CA GLY B 73 -3.50 -9.92 31.50
C GLY B 73 -3.23 -11.38 31.76
N LEU B 74 -3.25 -12.21 30.71
CA LEU B 74 -2.78 -13.58 30.83
C LEU B 74 -1.47 -13.76 30.05
N PRO B 75 -0.59 -14.67 30.46
CA PRO B 75 0.71 -14.78 29.78
C PRO B 75 0.61 -15.48 28.43
N VAL B 76 1.33 -14.91 27.46
CA VAL B 76 1.57 -15.57 26.19
C VAL B 76 2.69 -16.59 26.42
N THR B 77 2.36 -17.88 26.33
CA THR B 77 3.35 -18.92 26.62
C THR B 77 3.92 -19.56 25.38
N ARG B 78 3.19 -19.51 24.26
CA ARG B 78 3.59 -20.14 23.02
C ARG B 78 3.16 -19.25 21.87
N ALA B 79 3.93 -19.29 20.79
CA ALA B 79 3.60 -18.56 19.57
C ALA B 79 3.95 -19.42 18.36
N VAL B 80 3.12 -19.37 17.34
CA VAL B 80 3.37 -20.02 16.06
C VAL B 80 3.47 -18.98 14.96
N SER B 81 4.46 -19.13 14.09
CA SER B 81 4.65 -18.31 12.89
C SER B 81 4.17 -19.12 11.70
N THR B 82 3.28 -18.52 10.88
CA THR B 82 2.63 -19.27 9.82
C THR B 82 3.39 -19.31 8.50
N HIS B 83 4.40 -18.46 8.28
CA HIS B 83 5.40 -18.73 7.25
C HIS B 83 6.64 -17.88 7.56
N PHE B 84 7.64 -17.93 6.66
CA PHE B 84 8.99 -17.46 7.01
C PHE B 84 9.21 -15.98 6.78
N HIS B 85 8.26 -15.27 6.20
CA HIS B 85 8.51 -13.89 5.88
C HIS B 85 8.49 -13.00 7.13
N ASP B 86 9.05 -11.80 6.95
CA ASP B 86 9.32 -10.91 8.07
C ASP B 86 8.06 -10.43 8.78
N ASP B 87 6.90 -10.33 8.09
CA ASP B 87 5.71 -9.95 8.82
C ASP B 87 5.17 -11.03 9.73
N ARG B 88 5.71 -12.26 9.67
CA ARG B 88 5.26 -13.34 10.52
C ARG B 88 6.29 -13.81 11.53
N VAL B 89 7.58 -13.65 11.21
CA VAL B 89 8.67 -14.00 12.13
C VAL B 89 9.38 -12.80 12.69
N GLY B 90 9.18 -11.61 12.10
CA GLY B 90 9.81 -10.40 12.62
C GLY B 90 9.23 -10.04 13.96
N GLY B 91 10.04 -10.13 15.02
CA GLY B 91 9.55 -10.05 16.39
C GLY B 91 9.70 -11.35 17.17
N VAL B 92 10.11 -12.45 16.52
CA VAL B 92 10.33 -13.70 17.24
C VAL B 92 11.35 -13.50 18.36
N ASP B 93 12.40 -12.71 18.09
CA ASP B 93 13.43 -12.52 19.12
C ASP B 93 12.86 -11.79 20.34
N VAL B 94 11.95 -10.84 20.13
CA VAL B 94 11.26 -10.16 21.22
C VAL B 94 10.43 -11.17 22.04
N LEU B 95 9.66 -12.00 21.35
CA LEU B 95 8.88 -13.02 22.03
C LEU B 95 9.79 -13.93 22.85
N ARG B 96 10.87 -14.40 22.25
CA ARG B 96 11.76 -15.35 22.92
C ARG B 96 12.36 -14.73 24.18
N ALA B 97 12.73 -13.46 24.10
CA ALA B 97 13.36 -12.78 25.24
C ALA B 97 12.39 -12.60 26.39
N ALA B 98 11.10 -12.53 26.09
CA ALA B 98 10.04 -12.42 27.08
C ALA B 98 9.59 -13.77 27.62
N GLY B 99 10.16 -14.88 27.15
CA GLY B 99 9.86 -16.19 27.67
C GLY B 99 8.82 -16.95 26.90
N VAL B 100 8.43 -16.47 25.74
CA VAL B 100 7.44 -17.18 24.93
C VAL B 100 8.20 -18.24 24.16
N ALA B 101 7.66 -19.46 24.16
CA ALA B 101 8.16 -20.54 23.32
C ALA B 101 7.66 -20.33 21.89
N THR B 102 8.59 -20.19 20.93
CA THR B 102 8.23 -19.89 19.54
C THR B 102 8.38 -21.15 18.68
N TYR B 103 7.44 -21.32 17.75
CA TYR B 103 7.35 -22.53 16.93
C TYR B 103 7.08 -22.18 15.48
N ALA B 104 7.57 -23.05 14.58
CA ALA B 104 7.27 -23.02 13.16
C ALA B 104 7.59 -24.40 12.60
N SER B 105 7.06 -24.69 11.43
CA SER B 105 7.43 -25.94 10.80
C SER B 105 8.92 -25.92 10.48
N PRO B 106 9.55 -27.11 10.33
CA PRO B 106 10.95 -27.15 9.90
C PRO B 106 11.19 -26.47 8.57
N SER B 107 10.20 -26.48 7.67
N SER B 107 10.20 -26.48 7.67
CA SER B 107 10.33 -25.76 6.41
CA SER B 107 10.35 -25.76 6.40
C SER B 107 10.42 -24.25 6.65
C SER B 107 10.43 -24.25 6.65
N THR B 108 9.53 -23.71 7.48
CA THR B 108 9.58 -22.29 7.80
C THR B 108 10.90 -21.90 8.45
N ARG B 109 11.39 -22.72 9.39
CA ARG B 109 12.64 -22.38 10.07
C ARG B 109 13.81 -22.32 9.09
N ARG B 110 13.87 -23.28 8.18
CA ARG B 110 14.96 -23.32 7.20
C ARG B 110 14.90 -22.13 6.26
N LEU B 111 13.70 -21.81 5.77
CA LEU B 111 13.53 -20.68 4.85
C LEU B 111 13.81 -19.35 5.56
N ALA B 112 13.41 -19.23 6.82
CA ALA B 112 13.74 -18.03 7.59
C ALA B 112 15.25 -17.87 7.70
N GLU B 113 15.96 -18.96 8.00
CA GLU B 113 17.42 -18.90 8.08
C GLU B 113 18.03 -18.45 6.76
N VAL B 114 17.59 -19.01 5.63
CA VAL B 114 18.15 -18.67 4.32
C VAL B 114 17.89 -17.20 4.01
N GLU B 115 16.73 -16.69 4.38
CA GLU B 115 16.37 -15.31 4.15
C GLU B 115 17.05 -14.36 5.13
N GLY B 116 17.73 -14.88 6.14
CA GLY B 116 18.30 -14.04 7.19
C GLY B 116 17.28 -13.47 8.14
N ASN B 117 16.10 -14.08 8.22
CA ASN B 117 15.05 -13.61 9.11
C ASN B 117 15.17 -14.30 10.47
N GLU B 118 14.38 -13.80 11.42
CA GLU B 118 14.38 -14.38 12.75
C GLU B 118 13.79 -15.79 12.70
N ILE B 119 14.28 -16.66 13.57
CA ILE B 119 14.07 -18.10 13.45
C ILE B 119 13.37 -18.60 14.70
N PRO B 120 12.13 -19.06 14.60
CA PRO B 120 11.46 -19.68 15.76
C PRO B 120 12.27 -20.86 16.27
N THR B 121 12.22 -21.06 17.59
CA THR B 121 13.09 -22.05 18.26
C THR B 121 12.65 -23.47 17.94
N HIS B 122 11.36 -23.75 18.12
CA HIS B 122 10.80 -25.09 18.10
C HIS B 122 10.25 -25.44 16.73
N SER B 123 10.34 -26.73 16.41
CA SER B 123 9.92 -27.28 15.14
C SER B 123 8.58 -28.02 15.30
N LEU B 124 7.61 -27.69 14.45
CA LEU B 124 6.30 -28.33 14.46
C LEU B 124 6.36 -29.56 13.57
N GLU B 125 6.07 -30.73 14.13
CA GLU B 125 6.05 -31.96 13.37
C GLU B 125 4.64 -32.25 12.83
N GLY B 126 4.58 -33.14 11.84
CA GLY B 126 3.31 -33.59 11.31
C GLY B 126 2.68 -32.69 10.29
N LEU B 127 3.44 -31.74 9.73
CA LEU B 127 2.87 -30.77 8.79
C LEU B 127 3.61 -30.76 7.46
N SER B 128 4.23 -31.90 7.11
CA SER B 128 5.16 -31.96 6.00
CA SER B 128 5.16 -31.94 5.98
C SER B 128 4.47 -32.13 4.64
N SER B 129 3.27 -32.65 4.60
CA SER B 129 2.61 -32.94 3.33
C SER B 129 1.28 -32.20 3.24
N SER B 130 0.95 -31.78 2.01
CA SER B 130 -0.29 -31.06 1.77
C SER B 130 -1.45 -31.84 2.36
N GLY B 131 -2.31 -31.14 3.10
CA GLY B 131 -3.47 -31.73 3.73
C GLY B 131 -3.26 -32.23 5.15
N ASP B 132 -2.02 -32.19 5.65
CA ASP B 132 -1.73 -32.51 7.04
C ASP B 132 -2.28 -31.47 8.00
N ALA B 133 -2.84 -31.95 9.11
CA ALA B 133 -3.37 -31.14 10.19
C ALA B 133 -2.89 -31.70 11.52
N VAL B 134 -2.58 -30.81 12.47
CA VAL B 134 -2.20 -31.22 13.82
C VAL B 134 -2.85 -30.28 14.82
N ARG B 135 -3.23 -30.81 15.98
CA ARG B 135 -3.73 -29.94 17.05
C ARG B 135 -2.57 -29.31 17.81
N PHE B 136 -2.73 -28.02 18.13
CA PHE B 136 -1.71 -27.31 18.90
C PHE B 136 -2.44 -26.46 19.94
N GLY B 137 -2.53 -26.98 21.17
CA GLY B 137 -3.29 -26.28 22.18
C GLY B 137 -4.73 -26.11 21.67
N PRO B 138 -5.28 -24.90 21.72
CA PRO B 138 -6.69 -24.72 21.34
C PRO B 138 -6.94 -24.52 19.85
N VAL B 139 -5.95 -24.72 18.99
CA VAL B 139 -6.16 -24.56 17.56
C VAL B 139 -5.74 -25.83 16.84
N GLU B 140 -6.20 -25.94 15.60
CA GLU B 140 -5.65 -26.82 14.60
C GLU B 140 -4.76 -26.04 13.63
N LEU B 141 -3.55 -26.55 13.42
CA LEU B 141 -2.66 -26.09 12.37
C LEU B 141 -2.84 -26.97 11.12
N PHE B 142 -2.86 -26.35 9.94
CA PHE B 142 -3.08 -27.07 8.69
C PHE B 142 -2.10 -26.58 7.63
N TYR B 143 -1.42 -27.52 6.97
CA TYR B 143 -0.60 -27.22 5.82
C TYR B 143 -1.41 -27.54 4.57
N PRO B 144 -1.88 -26.52 3.84
CA PRO B 144 -2.78 -26.78 2.70
C PRO B 144 -2.04 -27.13 1.42
N GLY B 145 -0.72 -27.02 1.42
CA GLY B 145 0.07 -27.02 0.21
C GLY B 145 0.66 -25.64 -0.06
N ALA B 146 1.55 -25.61 -1.05
CA ALA B 146 2.27 -24.39 -1.40
C ALA B 146 1.28 -23.36 -1.94
N ALA B 147 1.47 -22.11 -1.53
CA ALA B 147 0.58 -21.06 -2.02
C ALA B 147 1.28 -19.71 -2.09
N HIS B 148 0.96 -18.81 -1.15
CA HIS B 148 1.74 -17.58 -0.99
C HIS B 148 3.22 -17.89 -0.80
N SER B 149 3.52 -18.96 -0.09
CA SER B 149 4.87 -19.49 0.05
C SER B 149 4.75 -21.00 0.08
N THR B 150 5.89 -21.70 -0.02
CA THR B 150 5.81 -23.15 -0.01
C THR B 150 5.53 -23.69 1.38
N ASP B 151 5.77 -22.88 2.43
CA ASP B 151 5.69 -23.32 3.81
C ASP B 151 4.45 -22.84 4.53
N ASN B 152 3.53 -22.12 3.85
CA ASN B 152 2.50 -21.44 4.62
C ASN B 152 1.53 -22.38 5.32
N LEU B 153 1.21 -22.03 6.55
CA LEU B 153 0.20 -22.71 7.36
C LEU B 153 -1.04 -21.84 7.54
N VAL B 154 -2.19 -22.50 7.72
CA VAL B 154 -3.41 -21.83 8.19
C VAL B 154 -3.80 -22.40 9.54
N VAL B 155 -4.63 -21.64 10.27
CA VAL B 155 -4.97 -21.95 11.65
C VAL B 155 -6.47 -21.89 11.86
N TYR B 156 -7.03 -22.89 12.53
CA TYR B 156 -8.47 -22.93 12.77
C TYR B 156 -8.72 -23.05 14.26
N VAL B 157 -9.66 -22.27 14.76
CA VAL B 157 -10.07 -22.27 16.16
C VAL B 157 -11.43 -22.94 16.24
N PRO B 158 -11.51 -24.22 16.62
CA PRO B 158 -12.81 -24.92 16.54
C PRO B 158 -13.89 -24.37 17.45
N SER B 159 -13.55 -23.86 18.63
CA SER B 159 -14.56 -23.35 19.55
C SER B 159 -15.35 -22.17 18.95
N ALA B 160 -14.73 -21.37 18.08
CA ALA B 160 -15.37 -20.19 17.50
C ALA B 160 -15.57 -20.27 15.99
N SER B 161 -15.22 -21.38 15.34
CA SER B 161 -15.30 -21.52 13.89
C SER B 161 -14.55 -20.40 13.16
N VAL B 162 -13.36 -20.11 13.66
CA VAL B 162 -12.52 -19.04 13.14
C VAL B 162 -11.38 -19.66 12.32
N LEU B 163 -11.21 -19.20 11.10
CA LEU B 163 -10.14 -19.62 10.21
C LEU B 163 -9.24 -18.43 9.92
N TYR B 164 -7.98 -18.54 10.29
CA TYR B 164 -6.96 -17.53 10.01
C TYR B 164 -6.12 -18.03 8.84
N GLY B 165 -6.22 -17.35 7.70
CA GLY B 165 -5.53 -17.79 6.50
C GLY B 165 -4.10 -17.32 6.35
N GLY B 166 -3.70 -16.35 7.14
CA GLY B 166 -2.39 -15.77 6.91
C GLY B 166 -2.32 -15.16 5.52
N CYS B 167 -1.08 -15.03 5.02
CA CYS B 167 -0.84 -14.32 3.78
C CYS B 167 -1.26 -15.12 2.53
N ALA B 168 -1.66 -16.38 2.70
CA ALA B 168 -2.24 -17.18 1.63
C ALA B 168 -3.67 -16.76 1.29
N ILE B 169 -4.31 -15.95 2.15
CA ILE B 169 -5.69 -15.49 1.87
C ILE B 169 -5.68 -13.97 1.82
N TYR B 170 -6.28 -13.44 0.76
CA TYR B 170 -6.39 -12.00 0.53
C TYR B 170 -7.76 -11.48 1.00
N GLU B 171 -7.77 -10.24 1.53
CA GLU B 171 -9.04 -9.55 1.79
C GLU B 171 -9.71 -9.14 0.48
N LEU B 172 -11.02 -8.93 0.58
CA LEU B 172 -11.84 -8.65 -0.61
C LEU B 172 -11.40 -7.36 -1.31
N SER B 173 -11.01 -6.34 -0.54
CA SER B 173 -10.58 -5.09 -1.15
CA SER B 173 -10.58 -5.09 -1.15
C SER B 173 -9.28 -5.22 -1.94
N ARG B 174 -8.53 -6.31 -1.76
CA ARG B 174 -7.30 -6.52 -2.52
C ARG B 174 -7.64 -7.20 -3.85
N THR B 175 -7.39 -6.49 -4.95
CA THR B 175 -7.73 -6.98 -6.27
C THR B 175 -6.51 -7.35 -7.10
N SER B 176 -5.30 -7.14 -6.57
CA SER B 176 -4.08 -7.53 -7.25
C SER B 176 -3.19 -8.30 -6.29
N ALA B 177 -2.37 -9.17 -6.85
CA ALA B 177 -1.50 -9.99 -6.01
C ALA B 177 -0.56 -9.14 -5.17
N GLY B 178 -0.20 -9.66 -4.01
CA GLY B 178 0.82 -9.04 -3.19
C GLY B 178 2.17 -9.54 -3.65
N ASN B 179 3.11 -9.75 -2.73
CA ASN B 179 4.39 -10.33 -3.15
C ASN B 179 4.19 -11.78 -3.57
N VAL B 180 4.70 -12.13 -4.76
CA VAL B 180 4.58 -13.48 -5.27
C VAL B 180 5.92 -14.10 -5.61
N ALA B 181 7.02 -13.44 -5.24
CA ALA B 181 8.35 -13.95 -5.59
C ALA B 181 8.58 -15.33 -5.01
N ASP B 182 8.02 -15.60 -3.83
CA ASP B 182 8.18 -16.88 -3.16
C ASP B 182 6.96 -17.77 -3.30
N ALA B 183 6.03 -17.41 -4.19
CA ALA B 183 4.78 -18.14 -4.24
C ALA B 183 4.86 -19.30 -5.22
N ASP B 184 3.91 -20.21 -5.09
CA ASP B 184 3.66 -21.24 -6.08
C ASP B 184 2.29 -20.92 -6.68
N LEU B 185 2.28 -20.05 -7.70
CA LEU B 185 1.02 -19.69 -8.35
C LEU B 185 0.31 -20.92 -8.89
N ALA B 186 1.08 -21.88 -9.40
CA ALA B 186 0.49 -23.07 -10.00
C ALA B 186 -0.32 -23.87 -9.02
N GLU B 187 0.10 -23.93 -7.75
CA GLU B 187 -0.56 -24.76 -6.77
C GLU B 187 -1.48 -23.99 -5.85
N TRP B 188 -1.37 -22.66 -5.83
CA TRP B 188 -2.12 -21.85 -4.88
C TRP B 188 -3.61 -22.13 -4.93
N PRO B 189 -4.28 -22.15 -6.09
CA PRO B 189 -5.72 -22.46 -6.05
C PRO B 189 -6.04 -23.85 -5.51
N THR B 190 -5.23 -24.86 -5.83
CA THR B 190 -5.47 -26.19 -5.26
C THR B 190 -5.30 -26.17 -3.75
N SER B 191 -4.27 -25.50 -3.27
CA SER B 191 -4.09 -25.37 -1.82
C SER B 191 -5.30 -24.73 -1.16
N ILE B 192 -5.88 -23.68 -1.78
CA ILE B 192 -7.07 -23.02 -1.25
C ILE B 192 -8.25 -24.00 -1.24
N GLU B 193 -8.36 -24.83 -2.27
CA GLU B 193 -9.38 -25.88 -2.26
C GLU B 193 -9.24 -26.79 -1.05
N ARG B 194 -8.01 -27.16 -0.68
CA ARG B 194 -7.81 -28.01 0.49
C ARG B 194 -8.34 -27.34 1.75
N ILE B 195 -8.12 -26.04 1.89
CA ILE B 195 -8.65 -25.30 3.03
C ILE B 195 -10.18 -25.36 3.04
N GLN B 196 -10.80 -25.08 1.90
CA GLN B 196 -12.26 -25.14 1.81
C GLN B 196 -12.76 -26.51 2.19
N GLN B 197 -12.11 -27.55 1.69
CA GLN B 197 -12.55 -28.91 1.97
C GLN B 197 -12.41 -29.25 3.44
N HIS B 198 -11.35 -28.76 4.09
CA HIS B 198 -11.10 -29.14 5.47
C HIS B 198 -11.89 -28.30 6.47
N TYR B 199 -12.22 -27.03 6.12
CA TYR B 199 -12.89 -26.13 7.07
C TYR B 199 -14.15 -25.53 6.45
N PRO B 200 -15.03 -26.36 5.91
CA PRO B 200 -16.22 -25.82 5.25
C PRO B 200 -17.15 -25.10 6.20
N GLU B 201 -17.04 -25.39 7.50
CA GLU B 201 -17.88 -24.79 8.52
C GLU B 201 -17.34 -23.47 9.05
N ALA B 202 -16.24 -22.95 8.52
CA ALA B 202 -15.66 -21.73 9.07
C ALA B 202 -16.64 -20.57 8.93
N GLN B 203 -16.81 -19.81 10.02
CA GLN B 203 -17.73 -18.67 10.03
C GLN B 203 -17.04 -17.33 9.91
N PHE B 204 -15.79 -17.22 10.35
CA PHE B 204 -15.11 -15.94 10.33
C PHE B 204 -13.72 -16.23 9.79
N VAL B 205 -13.39 -15.62 8.66
CA VAL B 205 -12.18 -15.91 7.91
C VAL B 205 -11.31 -14.66 7.93
N ILE B 206 -10.09 -14.80 8.46
CA ILE B 206 -9.17 -13.67 8.65
C ILE B 206 -8.07 -13.78 7.61
N PRO B 207 -7.89 -12.77 6.77
CA PRO B 207 -6.77 -12.77 5.84
C PRO B 207 -5.51 -12.30 6.56
N GLY B 208 -4.38 -12.47 5.86
CA GLY B 208 -3.14 -11.98 6.43
C GLY B 208 -3.17 -10.49 6.68
N HIS B 209 -3.86 -9.75 5.83
CA HIS B 209 -3.84 -8.31 5.81
C HIS B 209 -5.24 -7.85 5.47
N GLY B 210 -5.86 -7.08 6.36
CA GLY B 210 -7.11 -6.41 6.03
C GLY B 210 -8.30 -7.02 6.73
N LEU B 211 -9.45 -6.81 6.13
CA LEU B 211 -10.72 -7.07 6.80
C LEU B 211 -11.09 -8.55 6.72
N PRO B 212 -11.61 -9.11 7.82
CA PRO B 212 -12.15 -10.47 7.75
C PRO B 212 -13.49 -10.50 7.03
N GLY B 213 -13.89 -11.70 6.72
CA GLY B 213 -15.21 -11.95 6.16
C GLY B 213 -15.54 -13.40 6.29
N GLY B 214 -16.28 -13.91 5.32
CA GLY B 214 -16.65 -15.30 5.28
C GLY B 214 -15.75 -16.14 4.38
N LEU B 215 -16.21 -17.38 4.10
CA LEU B 215 -15.47 -18.29 3.24
C LEU B 215 -15.29 -17.77 1.81
N ASP B 216 -16.10 -16.79 1.37
CA ASP B 216 -15.87 -16.15 0.09
C ASP B 216 -14.46 -15.58 -0.07
N LEU B 217 -13.74 -15.27 1.02
CA LEU B 217 -12.36 -14.81 0.85
C LEU B 217 -11.48 -15.85 0.15
N LEU B 218 -11.81 -17.12 0.31
CA LEU B 218 -11.02 -18.15 -0.37
C LEU B 218 -11.19 -18.07 -1.87
N LYS B 219 -12.45 -18.01 -2.36
CA LYS B 219 -12.65 -17.94 -3.80
C LYS B 219 -12.13 -16.62 -4.36
N HIS B 220 -12.26 -15.54 -3.60
CA HIS B 220 -11.74 -14.24 -4.01
C HIS B 220 -10.23 -14.35 -4.24
N THR B 221 -9.52 -15.02 -3.33
CA THR B 221 -8.08 -15.10 -3.48
C THR B 221 -7.72 -15.93 -4.70
N THR B 222 -8.41 -17.07 -4.90
CA THR B 222 -8.21 -17.86 -6.11
C THR B 222 -8.41 -17.01 -7.36
N ASN B 223 -9.48 -16.21 -7.39
CA ASN B 223 -9.74 -15.37 -8.57
C ASN B 223 -8.59 -14.40 -8.83
N VAL B 224 -8.11 -13.71 -7.77
CA VAL B 224 -7.00 -12.78 -7.92
C VAL B 224 -5.73 -13.52 -8.37
N VAL B 225 -5.43 -14.66 -7.75
CA VAL B 225 -4.24 -15.42 -8.13
C VAL B 225 -4.30 -15.91 -9.56
N LYS B 226 -5.46 -16.40 -10.02
CA LYS B 226 -5.58 -16.88 -11.39
C LYS B 226 -5.46 -15.72 -12.36
N ALA B 227 -6.05 -14.57 -12.00
CA ALA B 227 -5.90 -13.39 -12.83
C ALA B 227 -4.44 -13.00 -12.96
N HIS B 228 -3.71 -12.98 -11.84
CA HIS B 228 -2.28 -12.67 -11.89
C HIS B 228 -1.54 -13.68 -12.78
N THR B 229 -1.82 -14.97 -12.60
CA THR B 229 -1.21 -16.00 -13.43
C THR B 229 -1.35 -15.65 -14.91
N ASN B 230 -2.57 -15.33 -15.34
CA ASN B 230 -2.80 -14.98 -16.72
C ASN B 230 -2.31 -13.58 -17.09
N ARG B 231 -1.71 -12.85 -16.13
CA ARG B 231 -1.17 -11.52 -16.38
C ARG B 231 0.02 -11.57 -17.33
N SER B 232 0.12 -10.56 -18.18
ZN ZN C . -0.94 6.74 -12.58
ZN ZN D . -0.08 8.01 -8.61
C13 A1EJI E . -2.63 5.19 -7.94
C16 A1EJI E . 1.77 4.09 -8.73
C15 A1EJI E . 1.82 4.82 -6.37
C11 A1EJI E . -4.95 4.58 -7.59
C12 A1EJI E . -3.67 4.80 -7.07
C10 A1EJI E . -5.20 4.76 -8.93
C14 A1EJI E . 1.09 4.40 -7.41
C01 A1EJI E . -0.87 3.59 -5.98
C02 A1EJI E . -0.44 4.18 -7.33
C03 A1EJI E . -1.18 5.47 -7.65
O04 A1EJI E . -0.61 6.01 -8.86
B05 A1EJI E . -1.52 5.83 -9.94
O06 A1EJI E . -1.57 7.11 -11.03
O07 A1EJI E . -0.94 4.70 -10.95
C08 A1EJI E . -2.86 5.37 -9.26
C09 A1EJI E . -4.16 5.14 -9.77
O17 A1EJI E . 1.14 3.45 -9.63
O18 A1EJI E . 2.95 4.45 -8.97
H152 A1EJI E . 2.73 4.94 -6.48
H151 A1EJI E . 1.41 5.02 -5.57
H111 A1EJI E . -5.64 4.32 -7.02
H121 A1EJI E . -3.50 4.67 -6.18
H101 A1EJI E . -6.04 4.62 -9.28
H011 A1EJI E . -0.16 3.08 -5.63
H012 A1EJI E . -1.06 4.29 -5.38
H013 A1EJI E . -1.62 3.05 -6.10
H021 A1EJI E . -0.67 3.56 -7.99
H031 A1EJI E . -1.11 6.08 -6.94
H061 A1EJI E . -1.16 7.76 -10.72
H071 A1EJI E . -0.95 5.00 -11.73
H091 A1EJI E . -4.33 5.28 -10.67
C1 GOL F . -15.03 26.13 -17.69
O1 GOL F . -15.17 24.90 -18.36
C2 GOL F . -13.76 26.89 -18.06
O2 GOL F . -13.80 26.88 -19.40
C3 GOL F . -13.72 28.37 -17.79
O3 GOL F . -12.76 29.08 -18.58
H2 GOL F . -12.87 26.39 -17.68
HO2 GOL F . -14.60 27.37 -19.70
H31 GOL F . -13.50 28.53 -16.73
H32 GOL F . -14.71 28.79 -17.98
HO3 GOL F . -11.85 28.81 -18.30
ZN ZN G . 4.72 -13.63 2.98
ZN ZN H . 1.93 -10.80 4.70
C13 A1EJI I . 4.68 -8.49 3.62
C16 A1EJI I . 1.73 -9.96 0.40
C15 A1EJI I . 0.49 -8.19 1.52
C11 A1EJI I . 6.70 -7.36 4.38
C12 A1EJI I . 5.35 -7.32 4.02
C10 A1EJI I . 7.39 -8.54 4.35
C14 A1EJI I . 1.66 -8.72 1.28
C01 A1EJI I . 2.87 -6.58 1.86
C02 A1EJI I . 2.98 -8.14 1.83
C03 A1EJI I . 3.25 -8.72 3.19
O04 A1EJI I . 3.05 -10.20 3.20
B05 A1EJI I . 4.32 -10.78 3.14
O06 A1EJI I . 4.43 -12.23 3.94
O07 A1EJI I . 4.69 -11.36 1.64
C08 A1EJI I . 5.35 -9.66 3.61
C09 A1EJI I . 6.71 -9.68 3.97
O17 A1EJI I . 2.83 -10.33 -0.05
O18 A1EJI I . 0.65 -10.61 0.14
H152 A1EJI I . -0.28 -8.58 1.17
H151 A1EJI I . 0.43 -7.43 2.06
H111 A1EJI I . 7.13 -6.57 4.64
H121 A1EJI I . 4.89 -6.52 4.03
H101 A1EJI I . 8.28 -8.56 4.60
H011 A1EJI I . 3.72 -6.22 1.96
H012 A1EJI I . 2.33 -6.33 2.59
H013 A1EJI I . 2.48 -6.28 1.06
H021 A1EJI I . 3.68 -8.37 1.25
H031 A1EJI I . 2.67 -8.33 3.82
H061 A1EJI I . 3.84 -12.27 4.51
H071 A1EJI I . 4.94 -12.14 1.71
H091 A1EJI I . 7.18 -10.49 3.96
C1 GOL J . 12.23 -21.95 24.06
O1 GOL J . 11.49 -21.34 22.95
C2 GOL J . 11.12 -22.85 24.55
O2 GOL J . 11.20 -24.18 24.44
C3 GOL J . 10.49 -23.19 25.84
O3 GOL J . 9.92 -24.44 25.49
H2 GOL J . 10.29 -22.55 23.92
HO2 GOL J . 11.72 -24.53 25.18
H31 GOL J . 9.74 -22.45 26.12
H32 GOL J . 11.23 -23.30 26.64
HO3 GOL J . 10.43 -24.85 24.77
#